data_3CZV
#
_entry.id   3CZV
#
_cell.length_a   59.030
_cell.length_b   81.567
_cell.length_c   112.374
_cell.angle_alpha   90.00
_cell.angle_beta   90.00
_cell.angle_gamma   90.00
#
_symmetry.space_group_name_H-M   'P 21 21 21'
#
loop_
_entity.id
_entity.type
_entity.pdbx_description
1 polymer 'Carbonic anhydrase 13'
2 non-polymer 'ZINC ION'
3 non-polymer 5-ACETAMIDO-1,3,4-THIADIAZOLE-2-SULFONAMIDE
4 non-polymer GLYCEROL
5 water water
#
_entity_poly.entity_id   1
_entity_poly.type   'polypeptide(L)'
_entity_poly.pdbx_seq_one_letter_code
;GSMSRLSWGYREHNGPIHWKEFFPIADGDQQSPIEIKTKEVKYDSSLRPLSIKYDPSSAKIISNSGHSFNVDFDDTENKS
VLRGGPLTGSYRLRQVHLHWGSADDHGSEHIVDGVSYAAELHVVHWNSDKYPSFVEAAHEPDGLAVLGVFLQIGEPNSQL
QKITDTLDSIKEKGKQTRFTNFDLLSLLPPSWDYWTYPGSLTVPPLLESVTWIVLKQPINISSQQLAKFRSLLCTAEGEA
AAFLVSNHRPPQPLKGRKVRASFH
;
_entity_poly.pdbx_strand_id   A,B
#
# COMPACT_ATOMS: atom_id res chain seq x y z
N SER A 7 -9.96 -2.71 -17.56
CA SER A 7 -9.52 -3.07 -16.18
C SER A 7 -9.62 -4.58 -15.95
N TRP A 8 -8.65 -5.12 -15.21
CA TRP A 8 -8.59 -6.55 -14.94
C TRP A 8 -9.75 -7.12 -14.12
N GLY A 9 -9.95 -8.42 -14.26
CA GLY A 9 -11.00 -9.11 -13.54
C GLY A 9 -10.83 -10.61 -13.68
N TYR A 10 -11.93 -11.35 -13.55
CA TYR A 10 -11.87 -12.79 -13.69
C TYR A 10 -12.82 -13.28 -14.77
N ARG A 11 -13.32 -12.34 -15.57
CA ARG A 11 -14.22 -12.67 -16.65
C ARG A 11 -13.39 -13.05 -17.87
N GLU A 12 -14.02 -13.63 -18.88
CA GLU A 12 -13.31 -14.09 -20.07
C GLU A 12 -12.41 -13.08 -20.77
N HIS A 13 -12.85 -11.83 -20.86
CA HIS A 13 -12.08 -10.79 -21.55
C HIS A 13 -11.02 -10.05 -20.71
N ASN A 14 -11.16 -10.08 -19.39
CA ASN A 14 -10.20 -9.39 -18.53
C ASN A 14 -9.58 -10.33 -17.50
N GLY A 15 -9.74 -11.63 -17.72
CA GLY A 15 -9.23 -12.62 -16.78
C GLY A 15 -7.73 -12.83 -16.75
N PRO A 16 -7.26 -13.75 -15.90
CA PRO A 16 -5.86 -14.14 -15.69
C PRO A 16 -4.98 -14.29 -16.93
N ILE A 17 -5.50 -14.90 -17.99
CA ILE A 17 -4.70 -15.08 -19.19
C ILE A 17 -4.41 -13.73 -19.86
N HIS A 18 -5.23 -12.73 -19.55
CA HIS A 18 -5.08 -11.39 -20.13
C HIS A 18 -4.25 -10.44 -19.26
N TRP A 19 -3.97 -10.86 -18.02
CA TRP A 19 -3.22 -10.01 -17.09
C TRP A 19 -1.85 -9.57 -17.59
N LYS A 20 -1.14 -10.42 -18.33
CA LYS A 20 0.17 -10.04 -18.83
C LYS A 20 0.06 -8.81 -19.72
N GLU A 21 -1.12 -8.59 -20.27
CA GLU A 21 -1.36 -7.44 -21.14
C GLU A 21 -1.30 -6.13 -20.36
N PHE A 22 -1.67 -6.16 -19.09
CA PHE A 22 -1.64 -4.95 -18.27
C PHE A 22 -0.43 -4.94 -17.33
N PHE A 23 -0.01 -6.12 -16.90
CA PHE A 23 1.12 -6.24 -15.97
C PHE A 23 2.10 -7.29 -16.48
N PRO A 24 3.16 -6.86 -17.17
CA PRO A 24 4.19 -7.74 -17.72
C PRO A 24 4.77 -8.72 -16.70
N ILE A 25 4.74 -8.33 -15.43
CA ILE A 25 5.28 -9.19 -14.38
C ILE A 25 4.46 -10.48 -14.24
N ALA A 26 3.28 -10.51 -14.86
CA ALA A 26 2.42 -11.69 -14.83
C ALA A 26 3.18 -12.94 -15.29
N ASP A 27 4.26 -12.72 -16.03
CA ASP A 27 5.08 -13.82 -16.53
C ASP A 27 6.43 -13.85 -15.81
N GLY A 28 6.48 -13.29 -14.61
CA GLY A 28 7.71 -13.26 -13.84
C GLY A 28 8.22 -14.64 -13.46
N ASP A 29 9.36 -14.69 -12.77
CA ASP A 29 9.95 -15.96 -12.37
C ASP A 29 9.47 -16.46 -11.02
N GLN A 30 8.79 -15.59 -10.26
CA GLN A 30 8.28 -15.98 -8.94
C GLN A 30 6.81 -15.62 -8.77
N GLN A 31 5.98 -16.11 -9.68
CA GLN A 31 4.56 -15.84 -9.64
C GLN A 31 3.78 -16.88 -8.83
N SER A 32 2.64 -16.46 -8.31
CA SER A 32 1.77 -17.32 -7.51
C SER A 32 0.35 -17.25 -8.09
N PRO A 33 -0.48 -18.25 -7.83
CA PRO A 33 -0.19 -19.47 -7.04
C PRO A 33 0.54 -20.53 -7.87
N ILE A 34 0.74 -21.69 -7.27
CA ILE A 34 1.42 -22.80 -7.93
C ILE A 34 0.80 -24.12 -7.50
N GLU A 35 1.22 -25.20 -8.14
CA GLU A 35 0.75 -26.52 -7.76
C GLU A 35 1.81 -27.09 -6.83
N ILE A 36 1.39 -27.57 -5.68
CA ILE A 36 2.32 -28.16 -4.73
C ILE A 36 2.37 -29.67 -4.96
N LYS A 37 3.50 -30.14 -5.49
CA LYS A 37 3.68 -31.57 -5.74
C LYS A 37 4.45 -32.13 -4.55
N THR A 38 3.73 -32.81 -3.66
CA THR A 38 4.31 -33.38 -2.45
C THR A 38 5.49 -34.32 -2.66
N LYS A 39 5.62 -34.87 -3.87
CA LYS A 39 6.72 -35.78 -4.16
C LYS A 39 8.01 -34.95 -4.27
N GLU A 40 7.87 -33.72 -4.73
CA GLU A 40 9.00 -32.81 -4.93
C GLU A 40 9.26 -31.88 -3.76
N VAL A 41 8.49 -32.02 -2.69
CA VAL A 41 8.68 -31.16 -1.52
C VAL A 41 9.76 -31.68 -0.59
N LYS A 42 10.67 -30.78 -0.20
CA LYS A 42 11.76 -31.14 0.69
C LYS A 42 11.59 -30.57 2.09
N TYR A 43 11.64 -31.45 3.09
CA TYR A 43 11.53 -31.02 4.47
C TYR A 43 12.76 -30.20 4.80
N ASP A 44 12.60 -29.17 5.63
CA ASP A 44 13.72 -28.32 6.00
C ASP A 44 13.71 -28.10 7.51
N SER A 45 14.67 -28.75 8.18
CA SER A 45 14.78 -28.66 9.63
C SER A 45 15.11 -27.25 10.10
N SER A 46 15.54 -26.40 9.18
CA SER A 46 15.86 -25.02 9.54
C SER A 46 14.59 -24.19 9.67
N LEU A 47 13.44 -24.76 9.30
CA LEU A 47 12.19 -24.03 9.43
C LEU A 47 11.76 -24.02 10.89
N ARG A 48 11.25 -22.89 11.35
CA ARG A 48 10.82 -22.77 12.73
C ARG A 48 9.31 -22.91 12.81
N PRO A 49 8.78 -23.24 14.00
CA PRO A 49 7.32 -23.36 14.08
C PRO A 49 6.69 -21.99 13.91
N LEU A 50 5.50 -21.93 13.35
CA LEU A 50 4.82 -20.66 13.17
C LEU A 50 4.37 -20.15 14.52
N SER A 51 4.53 -18.85 14.73
CA SER A 51 4.10 -18.22 15.96
C SER A 51 3.03 -17.21 15.54
N ILE A 52 1.79 -17.53 15.87
CA ILE A 52 0.68 -16.65 15.50
C ILE A 52 -0.02 -16.02 16.68
N LYS A 53 0.00 -14.68 16.71
CA LYS A 53 -0.65 -13.92 17.77
C LYS A 53 -1.66 -12.96 17.14
N TYR A 54 -2.94 -13.32 17.20
CA TYR A 54 -4.01 -12.49 16.63
C TYR A 54 -4.94 -11.90 17.68
N ASP A 55 -5.10 -10.59 17.67
CA ASP A 55 -5.99 -9.93 18.62
C ASP A 55 -7.35 -9.73 17.92
N PRO A 56 -8.42 -10.30 18.49
CA PRO A 56 -9.76 -10.16 17.91
C PRO A 56 -10.26 -8.73 17.79
N SER A 57 -9.63 -7.82 18.54
CA SER A 57 -10.03 -6.42 18.48
C SER A 57 -9.35 -5.71 17.32
N SER A 58 -8.45 -6.42 16.63
CA SER A 58 -7.73 -5.85 15.48
C SER A 58 -8.61 -5.59 14.28
N ALA A 59 -9.56 -6.50 14.02
CA ALA A 59 -10.46 -6.37 12.88
C ALA A 59 -11.23 -5.05 12.97
N LYS A 60 -11.43 -4.39 11.83
CA LYS A 60 -12.15 -3.12 11.83
C LYS A 60 -13.34 -3.06 10.88
N ILE A 61 -13.16 -3.55 9.66
CA ILE A 61 -14.24 -3.48 8.69
C ILE A 61 -14.15 -4.58 7.64
N ILE A 62 -15.28 -4.85 6.98
CA ILE A 62 -15.30 -5.84 5.91
C ILE A 62 -15.90 -5.12 4.70
N SER A 63 -15.39 -5.41 3.51
CA SER A 63 -15.89 -4.75 2.32
C SER A 63 -15.74 -5.60 1.06
N ASN A 64 -16.42 -5.16 0.01
CA ASN A 64 -16.40 -5.84 -1.27
C ASN A 64 -15.52 -4.99 -2.19
N SER A 65 -14.32 -5.49 -2.46
CA SER A 65 -13.37 -4.79 -3.33
C SER A 65 -13.72 -4.96 -4.80
N GLY A 66 -14.60 -5.90 -5.09
CA GLY A 66 -14.96 -6.16 -6.47
C GLY A 66 -14.26 -7.44 -6.93
N HIS A 67 -13.26 -7.87 -6.16
CA HIS A 67 -12.53 -9.10 -6.49
C HIS A 67 -12.60 -10.14 -5.38
N SER A 68 -13.20 -9.75 -4.25
CA SER A 68 -13.36 -10.64 -3.09
C SER A 68 -13.87 -9.78 -1.94
N PHE A 69 -14.03 -10.38 -0.76
CA PHE A 69 -14.42 -9.59 0.40
C PHE A 69 -13.07 -9.39 1.11
N ASN A 70 -12.91 -8.24 1.77
CA ASN A 70 -11.67 -7.93 2.46
C ASN A 70 -11.96 -7.53 3.90
N VAL A 71 -11.42 -8.27 4.86
CA VAL A 71 -11.59 -7.89 6.25
C VAL A 71 -10.29 -7.14 6.56
N ASP A 72 -10.41 -5.84 6.78
CA ASP A 72 -9.24 -5.04 7.08
C ASP A 72 -9.01 -4.90 8.58
N PHE A 73 -7.75 -5.03 8.99
CA PHE A 73 -7.37 -4.93 10.38
C PHE A 73 -6.52 -3.70 10.61
N ASP A 74 -6.53 -3.20 11.84
CA ASP A 74 -5.72 -2.03 12.15
C ASP A 74 -4.29 -2.50 12.32
N ASP A 75 -3.41 -2.06 11.43
CA ASP A 75 -2.01 -2.45 11.49
C ASP A 75 -1.11 -1.28 11.89
N THR A 76 -1.61 -0.41 12.76
CA THR A 76 -0.81 0.71 13.23
C THR A 76 -0.16 0.22 14.51
N GLU A 77 -0.80 -0.79 15.10
CA GLU A 77 -0.35 -1.41 16.33
C GLU A 77 0.23 -2.79 16.03
N ASN A 78 0.99 -3.34 16.98
CA ASN A 78 1.62 -4.64 16.80
C ASN A 78 0.89 -5.70 17.62
N LYS A 79 -0.44 -5.63 17.66
CA LYS A 79 -1.25 -6.58 18.41
C LYS A 79 -1.44 -7.92 17.70
N SER A 80 -1.55 -7.89 16.37
CA SER A 80 -1.72 -9.10 15.60
C SER A 80 -0.52 -9.27 14.69
N VAL A 81 0.31 -10.25 15.01
CA VAL A 81 1.52 -10.49 14.23
C VAL A 81 1.82 -11.96 14.00
N LEU A 82 2.52 -12.22 12.91
CA LEU A 82 2.94 -13.56 12.53
C LEU A 82 4.46 -13.59 12.60
N ARG A 83 5.01 -14.65 13.20
CA ARG A 83 6.46 -14.79 13.34
C ARG A 83 6.83 -16.25 13.17
N GLY A 84 8.14 -16.51 13.11
CA GLY A 84 8.62 -17.88 12.96
C GLY A 84 8.45 -18.43 11.56
N GLY A 85 8.35 -19.75 11.46
CA GLY A 85 8.21 -20.37 10.16
C GLY A 85 9.47 -20.09 9.37
N PRO A 86 9.36 -19.58 8.13
CA PRO A 86 10.54 -19.28 7.32
C PRO A 86 10.85 -17.79 7.39
N LEU A 87 10.15 -17.10 8.29
CA LEU A 87 10.29 -15.66 8.44
C LEU A 87 11.35 -15.15 9.40
N THR A 88 11.91 -13.99 9.03
CA THR A 88 12.88 -13.30 9.86
C THR A 88 12.17 -12.02 10.31
N GLY A 89 11.95 -11.87 11.61
CA GLY A 89 11.28 -10.69 12.09
C GLY A 89 9.77 -10.87 12.28
N SER A 90 9.09 -9.78 12.62
CA SER A 90 7.66 -9.81 12.87
C SER A 90 6.86 -9.22 11.71
N TYR A 91 5.79 -9.91 11.33
CA TYR A 91 4.92 -9.46 10.24
C TYR A 91 3.52 -9.15 10.78
N ARG A 92 3.12 -7.90 10.64
CA ARG A 92 1.82 -7.43 11.13
C ARG A 92 0.64 -7.86 10.26
N LEU A 93 -0.45 -8.24 10.92
CA LEU A 93 -1.67 -8.66 10.24
C LEU A 93 -2.29 -7.48 9.51
N ARG A 94 -2.64 -7.68 8.25
CA ARG A 94 -3.22 -6.59 7.49
C ARG A 94 -4.63 -6.85 6.98
N GLN A 95 -4.86 -7.99 6.36
CA GLN A 95 -6.19 -8.28 5.84
C GLN A 95 -6.42 -9.77 5.61
N VAL A 96 -7.70 -10.12 5.51
CA VAL A 96 -8.09 -11.50 5.26
C VAL A 96 -9.10 -11.48 4.11
N HIS A 97 -8.93 -12.37 3.14
CA HIS A 97 -9.86 -12.47 2.03
C HIS A 97 -9.99 -13.92 1.58
N LEU A 98 -10.86 -14.17 0.60
CA LEU A 98 -11.09 -15.54 0.15
C LEU A 98 -11.17 -15.68 -1.37
N HIS A 99 -10.73 -16.85 -1.86
CA HIS A 99 -10.77 -17.14 -3.29
C HIS A 99 -11.61 -18.39 -3.46
N TRP A 100 -12.37 -18.45 -4.55
CA TRP A 100 -13.22 -19.59 -4.83
C TRP A 100 -13.43 -19.74 -6.34
N GLY A 101 -14.11 -20.80 -6.74
CA GLY A 101 -14.38 -21.03 -8.15
C GLY A 101 -15.86 -21.06 -8.44
N SER A 102 -16.22 -21.20 -9.71
CA SER A 102 -17.63 -21.24 -10.09
C SER A 102 -18.34 -22.49 -9.58
N ALA A 103 -17.58 -23.51 -9.19
CA ALA A 103 -18.16 -24.74 -8.65
C ALA A 103 -17.26 -25.29 -7.55
N ASP A 104 -17.85 -26.08 -6.64
CA ASP A 104 -17.13 -26.67 -5.51
C ASP A 104 -15.90 -27.51 -5.83
N ASP A 105 -15.84 -28.11 -7.01
CA ASP A 105 -14.70 -28.96 -7.37
C ASP A 105 -13.42 -28.26 -7.83
N HIS A 106 -13.46 -26.94 -7.97
CA HIS A 106 -12.28 -26.19 -8.40
C HIS A 106 -12.34 -24.71 -8.02
N GLY A 107 -11.82 -24.37 -6.84
CA GLY A 107 -11.85 -22.99 -6.38
C GLY A 107 -10.59 -22.45 -5.69
N SER A 108 -9.74 -23.34 -5.19
CA SER A 108 -8.52 -22.88 -4.52
C SER A 108 -7.53 -22.31 -5.52
N GLU A 109 -6.63 -21.46 -5.05
CA GLU A 109 -5.62 -20.88 -5.93
C GLU A 109 -4.51 -21.90 -6.05
N HIS A 110 -3.90 -22.27 -4.92
CA HIS A 110 -2.86 -23.29 -4.94
C HIS A 110 -3.59 -24.61 -5.09
N ILE A 111 -2.95 -25.57 -5.74
CA ILE A 111 -3.54 -26.89 -5.89
C ILE A 111 -2.50 -27.89 -5.36
N VAL A 112 -2.96 -29.03 -4.87
CA VAL A 112 -2.04 -30.02 -4.32
C VAL A 112 -2.15 -31.34 -5.08
N ASP A 113 -1.02 -31.80 -5.62
CA ASP A 113 -0.99 -33.05 -6.37
C ASP A 113 -2.16 -33.15 -7.34
N GLY A 114 -2.33 -32.12 -8.16
CA GLY A 114 -3.39 -32.08 -9.15
C GLY A 114 -4.81 -31.89 -8.63
N VAL A 115 -4.95 -31.62 -7.35
CA VAL A 115 -6.28 -31.45 -6.75
C VAL A 115 -6.58 -30.02 -6.27
N SER A 116 -7.76 -29.52 -6.66
CA SER A 116 -8.18 -28.19 -6.25
C SER A 116 -9.18 -28.32 -5.12
N TYR A 117 -9.02 -27.50 -4.09
CA TYR A 117 -9.97 -27.52 -3.00
C TYR A 117 -11.11 -26.62 -3.47
N ALA A 118 -12.12 -26.43 -2.62
CA ALA A 118 -13.27 -25.60 -2.98
C ALA A 118 -13.01 -24.10 -2.85
N ALA A 119 -12.13 -23.72 -1.94
CA ALA A 119 -11.81 -22.31 -1.73
C ALA A 119 -10.48 -22.18 -1.00
N GLU A 120 -10.00 -20.96 -0.84
CA GLU A 120 -8.73 -20.74 -0.17
C GLU A 120 -8.70 -19.39 0.56
N LEU A 121 -8.45 -19.43 1.85
CA LEU A 121 -8.40 -18.23 2.68
C LEU A 121 -6.98 -17.68 2.74
N HIS A 122 -6.84 -16.37 2.56
CA HIS A 122 -5.53 -15.73 2.63
C HIS A 122 -5.46 -14.71 3.75
N VAL A 123 -4.42 -14.82 4.57
CA VAL A 123 -4.20 -13.91 5.68
C VAL A 123 -2.92 -13.17 5.29
N VAL A 124 -3.07 -11.90 4.95
CA VAL A 124 -1.97 -11.05 4.48
C VAL A 124 -1.25 -10.28 5.58
N HIS A 125 0.07 -10.43 5.64
CA HIS A 125 0.90 -9.74 6.64
C HIS A 125 2.04 -9.00 5.94
N TRP A 126 2.60 -8.01 6.62
CA TRP A 126 3.73 -7.28 6.07
C TRP A 126 4.82 -7.07 7.10
N ASN A 127 6.06 -7.01 6.63
CA ASN A 127 7.22 -6.85 7.51
C ASN A 127 7.28 -5.46 8.12
N SER A 128 6.69 -5.31 9.32
CA SER A 128 6.66 -4.01 10.00
C SER A 128 7.95 -3.74 10.74
N ASP A 129 8.81 -4.74 10.85
CA ASP A 129 10.09 -4.58 11.50
C ASP A 129 11.08 -3.83 10.63
N LYS A 130 11.03 -4.09 9.33
CA LYS A 130 11.95 -3.44 8.38
C LYS A 130 11.38 -2.28 7.57
N TYR A 131 10.09 -2.32 7.27
CA TYR A 131 9.49 -1.26 6.46
C TYR A 131 8.46 -0.40 7.17
N PRO A 132 8.32 0.87 6.72
CA PRO A 132 7.38 1.84 7.31
C PRO A 132 5.92 1.52 7.11
N SER A 133 5.58 0.94 5.96
CA SER A 133 4.20 0.62 5.66
C SER A 133 4.04 -0.62 4.79
N PHE A 134 2.80 -1.09 4.68
CA PHE A 134 2.51 -2.25 3.86
C PHE A 134 2.81 -1.90 2.39
N VAL A 135 2.50 -0.65 2.02
CA VAL A 135 2.73 -0.21 0.65
C VAL A 135 4.18 -0.37 0.22
N GLU A 136 5.11 -0.03 1.11
CA GLU A 136 6.51 -0.15 0.77
C GLU A 136 6.98 -1.59 0.92
N ALA A 137 6.44 -2.30 1.91
CA ALA A 137 6.82 -3.69 2.11
C ALA A 137 6.42 -4.51 0.87
N ALA A 138 5.25 -4.20 0.31
CA ALA A 138 4.76 -4.90 -0.87
C ALA A 138 5.71 -4.82 -2.06
N HIS A 139 6.71 -3.94 -1.96
CA HIS A 139 7.68 -3.78 -3.04
C HIS A 139 9.06 -4.35 -2.71
N GLU A 140 9.13 -5.15 -1.65
CA GLU A 140 10.38 -5.77 -1.23
C GLU A 140 10.24 -7.29 -1.21
N PRO A 141 11.31 -8.03 -1.60
CA PRO A 141 11.28 -9.50 -1.62
C PRO A 141 10.86 -10.13 -0.29
N ASP A 142 11.30 -9.51 0.80
CA ASP A 142 10.98 -10.00 2.13
C ASP A 142 9.93 -9.13 2.82
N GLY A 143 9.16 -8.39 2.01
CA GLY A 143 8.17 -7.50 2.58
C GLY A 143 6.84 -8.09 3.03
N LEU A 144 6.34 -9.09 2.34
CA LEU A 144 5.05 -9.69 2.70
C LEU A 144 5.06 -11.17 3.02
N ALA A 145 4.06 -11.59 3.79
CA ALA A 145 3.89 -12.99 4.14
C ALA A 145 2.41 -13.28 4.09
N VAL A 146 2.02 -14.25 3.28
CA VAL A 146 0.60 -14.60 3.19
C VAL A 146 0.39 -16.04 3.63
N LEU A 147 -0.51 -16.21 4.58
CA LEU A 147 -0.83 -17.53 5.10
C LEU A 147 -2.05 -18.02 4.33
N GLY A 148 -1.93 -19.21 3.73
CA GLY A 148 -3.04 -19.75 2.97
C GLY A 148 -3.68 -20.92 3.67
N VAL A 149 -5.00 -20.92 3.70
CA VAL A 149 -5.75 -22.00 4.33
C VAL A 149 -6.77 -22.53 3.34
N PHE A 150 -6.67 -23.83 3.04
CA PHE A 150 -7.59 -24.45 2.11
C PHE A 150 -8.95 -24.72 2.75
N LEU A 151 -10.01 -24.59 1.96
CA LEU A 151 -11.35 -24.90 2.46
C LEU A 151 -11.89 -26.03 1.60
N GLN A 152 -12.38 -27.08 2.25
CA GLN A 152 -12.92 -28.20 1.51
C GLN A 152 -14.35 -28.39 1.95
N ILE A 153 -15.19 -28.87 1.04
CA ILE A 153 -16.58 -29.07 1.35
C ILE A 153 -16.75 -30.10 2.47
N GLY A 154 -17.61 -29.76 3.42
CA GLY A 154 -17.88 -30.63 4.56
C GLY A 154 -19.05 -30.08 5.33
N GLU A 155 -19.05 -30.30 6.64
CA GLU A 155 -20.12 -29.79 7.49
C GLU A 155 -20.06 -28.29 7.61
N PRO A 156 -21.19 -27.64 7.91
CA PRO A 156 -21.16 -26.19 8.02
C PRO A 156 -20.11 -25.77 9.08
N ASN A 157 -19.45 -24.65 8.85
CA ASN A 157 -18.44 -24.17 9.78
C ASN A 157 -19.00 -22.94 10.45
N SER A 158 -19.38 -23.08 11.72
CA SER A 158 -19.95 -21.98 12.47
C SER A 158 -19.01 -20.77 12.58
N GLN A 159 -17.71 -20.98 12.39
CA GLN A 159 -16.75 -19.88 12.48
C GLN A 159 -16.78 -18.95 11.26
N LEU A 160 -17.57 -19.32 10.25
CA LEU A 160 -17.68 -18.51 9.05
C LEU A 160 -18.96 -17.68 9.07
N GLN A 161 -19.85 -18.02 9.97
CA GLN A 161 -21.13 -17.33 10.12
C GLN A 161 -20.98 -15.82 10.26
N LYS A 162 -20.02 -15.37 11.06
CA LYS A 162 -19.82 -13.94 11.25
C LYS A 162 -19.60 -13.27 9.89
N ILE A 163 -18.78 -13.90 9.06
CA ILE A 163 -18.50 -13.37 7.73
C ILE A 163 -19.72 -13.45 6.81
N THR A 164 -20.28 -14.65 6.67
CA THR A 164 -21.43 -14.83 5.79
C THR A 164 -22.64 -13.97 6.13
N ASP A 165 -22.80 -13.61 7.41
CA ASP A 165 -23.93 -12.76 7.80
C ASP A 165 -23.84 -11.35 7.22
N THR A 166 -22.63 -10.92 6.87
CA THR A 166 -22.42 -9.58 6.31
C THR A 166 -22.52 -9.48 4.79
N LEU A 167 -22.42 -10.63 4.12
CA LEU A 167 -22.44 -10.66 2.67
C LEU A 167 -23.51 -9.84 1.96
N ASP A 168 -24.75 -9.86 2.46
CA ASP A 168 -25.81 -9.08 1.82
C ASP A 168 -25.55 -7.58 1.93
N SER A 169 -24.96 -7.14 3.04
CA SER A 169 -24.70 -5.72 3.24
C SER A 169 -23.52 -5.20 2.41
N ILE A 170 -22.74 -6.10 1.82
CA ILE A 170 -21.62 -5.68 0.98
C ILE A 170 -21.69 -6.40 -0.36
N LYS A 171 -22.91 -6.65 -0.83
CA LYS A 171 -23.11 -7.34 -2.09
C LYS A 171 -22.45 -6.62 -3.26
N GLU A 172 -22.54 -5.29 -3.27
CA GLU A 172 -21.96 -4.50 -4.35
C GLU A 172 -20.52 -4.07 -4.11
N LYS A 173 -19.76 -4.00 -5.19
CA LYS A 173 -18.37 -3.56 -5.14
C LYS A 173 -18.31 -2.17 -4.51
N GLY A 174 -17.43 -2.00 -3.54
CA GLY A 174 -17.31 -0.70 -2.90
C GLY A 174 -18.05 -0.60 -1.58
N LYS A 175 -18.97 -1.53 -1.33
CA LYS A 175 -19.73 -1.53 -0.08
C LYS A 175 -18.87 -2.01 1.07
N GLN A 176 -19.14 -1.50 2.26
CA GLN A 176 -18.39 -1.88 3.44
C GLN A 176 -19.26 -1.71 4.68
N THR A 177 -18.94 -2.44 5.73
CA THR A 177 -19.67 -2.37 6.99
C THR A 177 -18.70 -2.70 8.11
N ARG A 178 -18.94 -2.17 9.29
CA ARG A 178 -18.05 -2.43 10.42
C ARG A 178 -17.97 -3.93 10.72
N PHE A 179 -16.75 -4.37 11.03
CA PHE A 179 -16.50 -5.79 11.30
C PHE A 179 -15.44 -5.85 12.37
N THR A 180 -15.83 -6.15 13.61
CA THR A 180 -14.87 -6.20 14.69
C THR A 180 -15.14 -7.36 15.65
N ASN A 181 -14.18 -7.62 16.53
CA ASN A 181 -14.29 -8.72 17.50
C ASN A 181 -14.41 -10.01 16.70
N PHE A 182 -13.37 -10.29 15.91
CA PHE A 182 -13.31 -11.44 15.04
C PHE A 182 -12.22 -12.42 15.50
N ASP A 183 -12.62 -13.64 15.83
CA ASP A 183 -11.69 -14.66 16.29
C ASP A 183 -11.07 -15.37 15.08
N LEU A 184 -10.08 -14.73 14.46
CA LEU A 184 -9.43 -15.30 13.28
C LEU A 184 -8.73 -16.63 13.60
N LEU A 185 -8.03 -16.66 14.72
CA LEU A 185 -7.28 -17.85 15.13
C LEU A 185 -8.12 -19.12 15.12
N SER A 186 -9.36 -19.05 15.57
CA SER A 186 -10.23 -20.22 15.61
C SER A 186 -10.62 -20.70 14.22
N LEU A 187 -10.31 -19.91 13.21
CA LEU A 187 -10.64 -20.27 11.84
C LEU A 187 -9.57 -21.19 11.25
N LEU A 188 -8.37 -21.15 11.81
CA LEU A 188 -7.26 -21.97 11.33
C LEU A 188 -7.44 -23.44 11.73
N PRO A 189 -6.83 -24.37 10.97
CA PRO A 189 -6.94 -25.79 11.28
C PRO A 189 -6.16 -26.12 12.54
N PRO A 190 -6.45 -27.26 13.19
CA PRO A 190 -5.73 -27.62 14.42
C PRO A 190 -4.23 -27.79 14.21
N SER A 191 -3.83 -28.26 13.03
CA SER A 191 -2.42 -28.43 12.73
C SER A 191 -1.91 -27.31 11.83
N TRP A 192 -0.75 -26.77 12.18
CA TRP A 192 -0.17 -25.69 11.39
C TRP A 192 0.98 -26.14 10.50
N ASP A 193 1.06 -27.44 10.21
CA ASP A 193 2.10 -27.94 9.32
C ASP A 193 1.89 -27.19 8.02
N TYR A 194 2.98 -26.79 7.37
CA TYR A 194 2.84 -26.01 6.14
C TYR A 194 3.93 -26.21 5.11
N TRP A 195 3.70 -25.64 3.93
CA TRP A 195 4.62 -25.66 2.81
C TRP A 195 4.94 -24.19 2.59
N THR A 196 6.16 -23.89 2.18
CA THR A 196 6.52 -22.50 1.93
C THR A 196 7.41 -22.34 0.71
N TYR A 197 7.23 -21.23 -0.01
CA TYR A 197 8.01 -20.95 -1.19
C TYR A 197 7.91 -19.45 -1.49
N PRO A 198 8.89 -18.90 -2.22
CA PRO A 198 8.85 -17.47 -2.54
C PRO A 198 7.93 -17.24 -3.73
N GLY A 199 7.01 -16.28 -3.59
CA GLY A 199 6.08 -16.02 -4.68
C GLY A 199 5.63 -14.57 -4.77
N SER A 200 4.40 -14.37 -5.23
CA SER A 200 3.88 -13.03 -5.41
C SER A 200 2.43 -12.89 -4.99
N LEU A 201 1.88 -11.72 -5.27
CA LEU A 201 0.48 -11.45 -4.99
C LEU A 201 -0.21 -12.21 -6.13
N THR A 202 -1.40 -12.74 -5.88
CA THR A 202 -2.12 -13.48 -6.91
C THR A 202 -3.07 -12.59 -7.71
N VAL A 203 -3.04 -11.30 -7.41
CA VAL A 203 -3.87 -10.32 -8.12
C VAL A 203 -2.98 -9.14 -8.48
N PRO A 204 -3.34 -8.38 -9.53
CA PRO A 204 -2.51 -7.22 -9.90
C PRO A 204 -2.34 -6.35 -8.67
N PRO A 205 -1.21 -5.66 -8.54
CA PRO A 205 -0.04 -5.63 -9.45
C PRO A 205 0.90 -6.86 -9.49
N LEU A 206 0.46 -7.97 -8.92
CA LEU A 206 1.22 -9.23 -8.92
C LEU A 206 2.69 -9.11 -8.49
N LEU A 207 2.96 -8.23 -7.53
CA LEU A 207 4.32 -8.01 -7.03
C LEU A 207 4.95 -9.25 -6.40
N GLU A 208 6.20 -9.52 -6.76
CA GLU A 208 6.90 -10.69 -6.24
C GLU A 208 7.60 -10.34 -4.92
N SER A 209 6.78 -10.17 -3.89
CA SER A 209 7.26 -9.79 -2.57
C SER A 209 6.66 -10.67 -1.48
N VAL A 210 6.12 -11.82 -1.87
CA VAL A 210 5.46 -12.68 -0.91
C VAL A 210 6.14 -14.00 -0.54
N THR A 211 6.28 -14.21 0.76
CA THR A 211 6.82 -15.46 1.27
C THR A 211 5.51 -16.19 1.57
N TRP A 212 5.19 -17.20 0.77
CA TRP A 212 3.97 -17.96 0.95
C TRP A 212 4.09 -19.06 2.00
N ILE A 213 3.04 -19.20 2.81
CA ILE A 213 2.98 -20.21 3.84
C ILE A 213 1.61 -20.85 3.71
N VAL A 214 1.57 -22.01 3.06
CA VAL A 214 0.32 -22.71 2.81
C VAL A 214 0.14 -23.89 3.75
N LEU A 215 -0.89 -23.83 4.59
CA LEU A 215 -1.14 -24.91 5.54
C LEU A 215 -1.61 -26.16 4.80
N LYS A 216 -1.10 -27.31 5.26
CA LYS A 216 -1.46 -28.60 4.66
C LYS A 216 -2.88 -29.02 5.00
N GLN A 217 -3.28 -28.85 6.26
CA GLN A 217 -4.61 -29.24 6.69
C GLN A 217 -5.68 -28.20 6.36
N PRO A 218 -6.72 -28.61 5.64
CA PRO A 218 -7.82 -27.72 5.25
C PRO A 218 -8.88 -27.61 6.34
N ILE A 219 -9.73 -26.60 6.22
CA ILE A 219 -10.83 -26.43 7.15
C ILE A 219 -12.09 -26.73 6.36
N ASN A 220 -13.21 -26.87 7.05
CA ASN A 220 -14.47 -27.20 6.41
C ASN A 220 -15.37 -26.00 6.12
N ILE A 221 -16.22 -26.16 5.10
CA ILE A 221 -17.21 -25.18 4.73
C ILE A 221 -18.29 -25.99 4.01
N SER A 222 -19.56 -25.68 4.24
CA SER A 222 -20.62 -26.42 3.57
C SER A 222 -20.82 -25.83 2.18
N SER A 223 -21.45 -26.61 1.30
CA SER A 223 -21.70 -26.14 -0.06
C SER A 223 -22.61 -24.91 -0.03
N GLN A 224 -23.56 -24.92 0.91
CA GLN A 224 -24.51 -23.81 1.07
C GLN A 224 -23.77 -22.54 1.46
N GLN A 225 -22.84 -22.65 2.41
CA GLN A 225 -22.06 -21.50 2.87
C GLN A 225 -21.24 -20.90 1.73
N LEU A 226 -20.48 -21.75 1.05
CA LEU A 226 -19.63 -21.26 -0.04
C LEU A 226 -20.43 -20.57 -1.14
N ALA A 227 -21.61 -21.11 -1.44
CA ALA A 227 -22.43 -20.53 -2.50
C ALA A 227 -22.76 -19.06 -2.23
N LYS A 228 -22.85 -18.68 -0.97
CA LYS A 228 -23.15 -17.30 -0.62
C LYS A 228 -22.12 -16.31 -1.15
N PHE A 229 -20.85 -16.72 -1.20
CA PHE A 229 -19.82 -15.83 -1.70
C PHE A 229 -19.95 -15.56 -3.18
N ARG A 230 -20.55 -16.50 -3.91
CA ARG A 230 -20.74 -16.36 -5.35
C ARG A 230 -21.90 -15.40 -5.65
N SER A 231 -22.66 -15.04 -4.61
CA SER A 231 -23.77 -14.13 -4.80
C SER A 231 -23.29 -12.68 -4.70
N LEU A 232 -22.00 -12.50 -4.44
CA LEU A 232 -21.42 -11.16 -4.37
C LEU A 232 -21.22 -10.70 -5.80
N LEU A 233 -21.22 -9.39 -6.03
CA LEU A 233 -21.02 -8.84 -7.36
C LEU A 233 -19.62 -8.25 -7.48
N CYS A 234 -19.10 -8.22 -8.70
CA CYS A 234 -17.79 -7.62 -8.94
C CYS A 234 -18.06 -6.23 -9.51
N THR A 235 -19.32 -5.81 -9.45
CA THR A 235 -19.75 -4.51 -9.95
C THR A 235 -20.39 -3.65 -8.86
N ALA A 236 -20.42 -2.34 -9.09
CA ALA A 236 -20.96 -1.40 -8.13
C ALA A 236 -22.47 -1.15 -8.25
N GLU A 237 -23.04 -0.64 -7.18
CA GLU A 237 -24.47 -0.33 -7.15
C GLU A 237 -24.80 0.71 -8.24
N GLY A 238 -25.91 0.49 -8.95
CA GLY A 238 -26.31 1.41 -10.01
C GLY A 238 -25.60 1.15 -11.32
N GLU A 239 -24.75 0.12 -11.33
CA GLU A 239 -23.96 -0.26 -12.50
C GLU A 239 -24.37 -1.64 -13.02
N ALA A 240 -24.14 -1.90 -14.31
CA ALA A 240 -24.48 -3.19 -14.91
C ALA A 240 -23.94 -4.30 -14.01
N ALA A 241 -24.79 -5.29 -13.72
CA ALA A 241 -24.44 -6.38 -12.83
C ALA A 241 -23.63 -7.52 -13.43
N ALA A 242 -22.80 -8.12 -12.59
CA ALA A 242 -21.97 -9.27 -12.95
C ALA A 242 -21.57 -9.90 -11.63
N PHE A 243 -21.86 -11.19 -11.46
CA PHE A 243 -21.53 -11.88 -10.22
C PHE A 243 -20.07 -12.29 -10.16
N LEU A 244 -19.54 -12.31 -8.94
CA LEU A 244 -18.18 -12.74 -8.69
C LEU A 244 -18.25 -14.24 -8.44
N VAL A 245 -18.55 -15.00 -9.48
CA VAL A 245 -18.70 -16.46 -9.37
C VAL A 245 -17.38 -17.20 -9.22
N SER A 246 -16.28 -16.57 -9.61
CA SER A 246 -14.96 -17.19 -9.50
C SER A 246 -13.91 -16.10 -9.40
N ASN A 247 -12.91 -16.31 -8.55
CA ASN A 247 -11.86 -15.32 -8.37
C ASN A 247 -10.50 -15.91 -7.99
N HIS A 248 -10.17 -17.06 -8.58
CA HIS A 248 -8.89 -17.70 -8.30
C HIS A 248 -8.03 -17.70 -9.56
N ARG A 249 -6.73 -17.45 -9.39
CA ARG A 249 -5.79 -17.42 -10.50
C ARG A 249 -5.26 -18.83 -10.73
N PRO A 250 -5.07 -19.22 -12.00
CA PRO A 250 -4.54 -20.56 -12.32
C PRO A 250 -3.13 -20.73 -11.76
N PRO A 251 -2.72 -21.99 -11.51
CA PRO A 251 -1.36 -22.17 -10.98
C PRO A 251 -0.33 -21.64 -11.97
N GLN A 252 0.76 -21.08 -11.47
CA GLN A 252 1.80 -20.53 -12.33
C GLN A 252 3.04 -21.44 -12.35
N PRO A 253 3.87 -21.32 -13.39
CA PRO A 253 5.08 -22.13 -13.53
C PRO A 253 6.04 -21.95 -12.34
N LEU A 254 6.45 -23.08 -11.76
CA LEU A 254 7.35 -23.07 -10.61
C LEU A 254 8.69 -22.39 -10.89
N LYS A 255 9.17 -22.51 -12.12
CA LYS A 255 10.43 -21.90 -12.53
C LYS A 255 11.62 -22.20 -11.62
N GLY A 256 11.76 -23.45 -11.21
CA GLY A 256 12.90 -23.83 -10.39
C GLY A 256 12.89 -23.47 -8.92
N ARG A 257 11.80 -22.88 -8.45
CA ARG A 257 11.69 -22.51 -7.05
C ARG A 257 11.57 -23.75 -6.19
N LYS A 258 12.04 -23.64 -4.95
CA LYS A 258 12.00 -24.75 -4.02
C LYS A 258 10.83 -24.63 -3.05
N VAL A 259 10.00 -25.67 -3.00
CA VAL A 259 8.87 -25.69 -2.07
C VAL A 259 9.33 -26.50 -0.87
N ARG A 260 9.33 -25.86 0.31
CA ARG A 260 9.77 -26.52 1.52
C ARG A 260 8.65 -26.90 2.48
N ALA A 261 8.83 -28.02 3.18
CA ALA A 261 7.85 -28.50 4.15
C ALA A 261 8.39 -28.31 5.56
N SER A 262 7.53 -27.89 6.47
CA SER A 262 7.93 -27.68 7.86
C SER A 262 7.76 -28.96 8.65
N PHE A 263 7.19 -29.97 8.00
CA PHE A 263 6.91 -31.26 8.64
C PHE A 263 7.54 -32.43 7.91
N HIS A 264 7.66 -33.55 8.61
CA HIS A 264 8.22 -34.77 8.05
C HIS A 264 7.13 -35.55 7.32
N LEU B 6 18.68 -2.77 -1.33
CA LEU B 6 19.29 -1.50 -0.84
C LEU B 6 18.49 -0.84 0.27
N SER B 7 19.14 -0.60 1.41
CA SER B 7 18.48 0.10 2.51
C SER B 7 18.68 1.55 2.09
N TRP B 8 17.86 1.99 1.15
CA TRP B 8 17.97 3.34 0.62
C TRP B 8 17.81 4.44 1.65
N GLY B 9 18.38 5.60 1.32
CA GLY B 9 18.33 6.76 2.19
C GLY B 9 18.77 7.96 1.38
N TYR B 10 19.39 8.92 2.03
CA TYR B 10 19.85 10.12 1.34
C TYR B 10 21.32 10.40 1.62
N ARG B 11 22.03 9.43 2.19
CA ARG B 11 23.44 9.60 2.50
C ARG B 11 24.33 9.18 1.33
N GLU B 12 25.65 9.31 1.50
CA GLU B 12 26.60 8.98 0.43
C GLU B 12 26.52 7.55 -0.13
N HIS B 13 26.31 6.58 0.75
CA HIS B 13 26.26 5.18 0.33
C HIS B 13 24.90 4.65 -0.11
N ASN B 14 23.83 5.37 0.19
CA ASN B 14 22.49 4.88 -0.18
C ASN B 14 21.57 5.94 -0.76
N GLY B 15 22.14 7.09 -1.13
CA GLY B 15 21.32 8.17 -1.67
C GLY B 15 20.86 8.05 -3.10
N PRO B 16 20.16 9.07 -3.62
CA PRO B 16 19.61 9.16 -4.98
C PRO B 16 20.51 8.62 -6.11
N ILE B 17 21.81 8.84 -6.03
CA ILE B 17 22.70 8.35 -7.06
C ILE B 17 22.71 6.81 -7.05
N HIS B 18 22.68 6.24 -5.85
CA HIS B 18 22.68 4.79 -5.71
C HIS B 18 21.34 4.13 -5.99
N TRP B 19 20.26 4.92 -5.95
CA TRP B 19 18.93 4.37 -6.23
C TRP B 19 18.89 3.77 -7.64
N LYS B 20 19.63 4.39 -8.55
CA LYS B 20 19.69 3.92 -9.94
C LYS B 20 20.32 2.53 -10.06
N GLU B 21 21.05 2.12 -9.03
CA GLU B 21 21.68 0.81 -9.05
C GLU B 21 20.71 -0.28 -8.62
N PHE B 22 19.59 0.11 -8.01
CA PHE B 22 18.61 -0.86 -7.55
C PHE B 22 17.21 -0.70 -8.12
N PHE B 23 16.95 0.44 -8.74
CA PHE B 23 15.64 0.71 -9.33
C PHE B 23 15.77 1.19 -10.76
N PRO B 24 15.51 0.29 -11.73
CA PRO B 24 15.59 0.59 -13.16
C PRO B 24 14.78 1.83 -13.55
N ILE B 25 13.57 1.93 -13.01
CA ILE B 25 12.70 3.06 -13.33
C ILE B 25 13.26 4.41 -12.88
N ALA B 26 14.28 4.37 -12.02
CA ALA B 26 14.90 5.61 -11.52
C ALA B 26 15.34 6.50 -12.69
N ASP B 27 15.63 5.87 -13.83
CA ASP B 27 16.04 6.58 -15.04
C ASP B 27 14.87 6.66 -16.01
N GLY B 28 13.66 6.54 -15.47
CA GLY B 28 12.45 6.58 -16.29
C GLY B 28 12.20 7.88 -17.03
N ASP B 29 11.14 7.87 -17.84
CA ASP B 29 10.77 9.05 -18.62
C ASP B 29 9.86 10.02 -17.89
N GLN B 30 9.28 9.58 -16.78
CA GLN B 30 8.38 10.47 -16.02
C GLN B 30 8.76 10.50 -14.53
N GLN B 31 10.02 10.81 -14.25
CA GLN B 31 10.50 10.86 -12.89
C GLN B 31 10.36 12.24 -12.25
N SER B 32 10.23 12.25 -10.93
CA SER B 32 10.10 13.48 -10.17
C SER B 32 11.16 13.50 -9.06
N PRO B 33 11.45 14.68 -8.49
CA PRO B 33 10.88 15.99 -8.82
C PRO B 33 11.51 16.59 -10.08
N ILE B 34 11.10 17.81 -10.40
CA ILE B 34 11.64 18.49 -11.58
C ILE B 34 11.78 19.96 -11.29
N GLU B 35 12.46 20.67 -12.19
CA GLU B 35 12.59 22.10 -12.06
C GLU B 35 11.45 22.67 -12.90
N ILE B 36 10.74 23.63 -12.33
CA ILE B 36 9.64 24.27 -13.01
C ILE B 36 10.17 25.59 -13.58
N LYS B 37 10.24 25.68 -14.90
CA LYS B 37 10.72 26.90 -15.54
C LYS B 37 9.51 27.61 -16.10
N THR B 38 9.12 28.66 -15.41
CA THR B 38 7.95 29.46 -15.80
C THR B 38 7.95 29.85 -17.28
N LYS B 39 9.12 30.21 -17.81
CA LYS B 39 9.21 30.61 -19.21
C LYS B 39 8.73 29.49 -20.14
N GLU B 40 8.69 28.26 -19.63
CA GLU B 40 8.27 27.12 -20.42
C GLU B 40 6.91 26.55 -20.02
N VAL B 41 6.34 27.09 -18.94
CA VAL B 41 5.04 26.64 -18.47
C VAL B 41 3.94 27.16 -19.38
N LYS B 42 2.96 26.31 -19.67
CA LYS B 42 1.84 26.71 -20.51
C LYS B 42 0.54 26.76 -19.73
N TYR B 43 -0.12 27.90 -19.77
CA TYR B 43 -1.39 28.05 -19.07
C TYR B 43 -2.44 27.23 -19.81
N ASP B 44 -3.26 26.51 -19.05
CA ASP B 44 -4.31 25.69 -19.63
C ASP B 44 -5.63 26.05 -18.96
N SER B 45 -6.49 26.76 -19.70
CA SER B 45 -7.78 27.18 -19.18
C SER B 45 -8.74 26.02 -18.90
N SER B 46 -8.42 24.83 -19.40
CA SER B 46 -9.29 23.68 -19.17
C SER B 46 -9.05 23.12 -17.76
N LEU B 47 -8.06 23.66 -17.07
CA LEU B 47 -7.77 23.22 -15.71
C LEU B 47 -8.75 23.82 -14.72
N ARG B 48 -9.31 22.98 -13.87
CA ARG B 48 -10.27 23.41 -12.89
C ARG B 48 -9.61 23.75 -11.56
N PRO B 49 -10.31 24.51 -10.71
CA PRO B 49 -9.72 24.85 -9.41
C PRO B 49 -9.72 23.60 -8.55
N LEU B 50 -8.87 23.58 -7.52
CA LEU B 50 -8.80 22.44 -6.64
C LEU B 50 -9.97 22.44 -5.66
N SER B 51 -10.56 21.26 -5.47
CA SER B 51 -11.65 21.08 -4.54
C SER B 51 -11.08 20.18 -3.44
N ILE B 52 -10.82 20.77 -2.28
CA ILE B 52 -10.22 20.03 -1.17
C ILE B 52 -11.10 19.92 0.07
N LYS B 53 -11.29 18.70 0.54
CA LYS B 53 -12.08 18.45 1.73
C LYS B 53 -11.30 17.51 2.65
N TYR B 54 -10.84 18.05 3.77
CA TYR B 54 -10.08 17.27 4.75
C TYR B 54 -10.74 17.26 6.11
N ASP B 55 -10.97 16.08 6.65
CA ASP B 55 -11.60 15.91 7.96
C ASP B 55 -10.52 15.71 9.02
N PRO B 56 -10.36 16.68 9.93
CA PRO B 56 -9.37 16.63 11.01
C PRO B 56 -9.32 15.30 11.76
N SER B 57 -10.46 14.62 11.84
CA SER B 57 -10.53 13.34 12.55
C SER B 57 -9.96 12.18 11.72
N SER B 58 -9.56 12.45 10.48
CA SER B 58 -9.00 11.43 9.61
C SER B 58 -7.60 11.02 10.05
N ALA B 59 -6.84 11.98 10.59
CA ALA B 59 -5.48 11.72 11.03
C ALA B 59 -5.50 10.65 12.12
N LYS B 60 -4.60 9.67 12.01
CA LYS B 60 -4.54 8.59 12.97
C LYS B 60 -3.23 8.48 13.72
N ILE B 61 -2.11 8.51 12.99
CA ILE B 61 -0.81 8.39 13.63
C ILE B 61 0.27 9.19 12.92
N ILE B 62 1.36 9.43 13.63
CA ILE B 62 2.50 10.12 13.04
C ILE B 62 3.66 9.21 13.41
N SER B 63 4.60 9.06 12.48
CA SER B 63 5.74 8.20 12.73
C SER B 63 6.99 8.66 12.02
N ASN B 64 8.11 8.06 12.41
CA ASN B 64 9.39 8.35 11.80
C ASN B 64 9.68 7.17 10.89
N SER B 65 9.57 7.37 9.59
CA SER B 65 9.82 6.30 8.63
C SER B 65 11.32 6.13 8.41
N GLY B 66 12.10 7.07 8.96
CA GLY B 66 13.53 7.04 8.75
C GLY B 66 13.88 7.89 7.54
N HIS B 67 12.87 8.28 6.76
CA HIS B 67 13.09 9.11 5.55
C HIS B 67 12.35 10.44 5.69
N SER B 68 11.45 10.52 6.68
CA SER B 68 10.72 11.73 7.01
C SER B 68 9.73 11.36 8.10
N PHE B 69 8.85 12.28 8.46
CA PHE B 69 7.84 11.94 9.42
C PHE B 69 6.64 11.66 8.52
N ASN B 70 5.80 10.71 8.91
CA ASN B 70 4.60 10.39 8.12
C ASN B 70 3.35 10.51 8.98
N VAL B 71 2.39 11.31 8.54
CA VAL B 71 1.13 11.40 9.25
C VAL B 71 0.20 10.56 8.39
N ASP B 72 -0.28 9.45 8.94
CA ASP B 72 -1.17 8.56 8.19
C ASP B 72 -2.63 8.82 8.56
N PHE B 73 -3.48 8.86 7.55
CA PHE B 73 -4.91 9.10 7.77
C PHE B 73 -5.72 7.85 7.48
N ASP B 74 -6.88 7.73 8.13
CA ASP B 74 -7.77 6.60 7.90
C ASP B 74 -8.32 6.81 6.50
N ASP B 75 -8.00 5.93 5.58
CA ASP B 75 -8.50 6.08 4.21
C ASP B 75 -9.43 4.93 3.80
N THR B 76 -10.42 4.63 4.64
CA THR B 76 -11.36 3.57 4.34
C THR B 76 -12.67 4.17 3.84
N GLU B 77 -12.81 5.48 4.00
CA GLU B 77 -14.01 6.19 3.57
C GLU B 77 -13.60 7.52 2.92
N ASN B 78 -14.53 8.17 2.24
CA ASN B 78 -14.23 9.43 1.57
C ASN B 78 -14.49 10.69 2.38
N LYS B 79 -13.92 10.77 3.58
CA LYS B 79 -14.09 11.94 4.42
C LYS B 79 -13.11 13.02 3.99
N SER B 80 -11.89 12.61 3.67
CA SER B 80 -10.85 13.53 3.24
C SER B 80 -10.46 13.21 1.80
N VAL B 81 -10.90 14.05 0.87
CA VAL B 81 -10.62 13.83 -0.53
C VAL B 81 -10.18 15.08 -1.29
N LEU B 82 -9.49 14.83 -2.40
CA LEU B 82 -9.00 15.87 -3.29
C LEU B 82 -9.70 15.67 -4.63
N ARG B 83 -10.30 16.73 -5.15
CA ARG B 83 -11.01 16.67 -6.42
C ARG B 83 -10.71 17.91 -7.26
N GLY B 84 -11.17 17.91 -8.50
CA GLY B 84 -10.94 19.05 -9.37
C GLY B 84 -9.53 19.09 -9.91
N GLY B 85 -9.03 20.30 -10.15
CA GLY B 85 -7.70 20.45 -10.69
C GLY B 85 -7.61 19.71 -12.02
N PRO B 86 -6.54 18.93 -12.23
CA PRO B 86 -6.36 18.16 -13.47
C PRO B 86 -6.91 16.74 -13.33
N LEU B 87 -7.46 16.45 -12.16
CA LEU B 87 -7.97 15.13 -11.83
C LEU B 87 -9.37 14.77 -12.30
N THR B 88 -9.54 13.48 -12.56
CA THR B 88 -10.83 12.92 -12.96
C THR B 88 -11.22 12.02 -11.79
N GLY B 89 -12.34 12.32 -11.13
CA GLY B 89 -12.76 11.51 -10.02
C GLY B 89 -12.24 12.01 -8.68
N SER B 90 -12.49 11.23 -7.63
N SER B 90 -12.48 11.22 -7.63
CA SER B 90 -12.05 11.60 -6.28
CA SER B 90 -12.07 11.58 -6.28
C SER B 90 -10.81 10.83 -5.85
C SER B 90 -10.82 10.82 -5.83
N TYR B 91 -9.89 11.54 -5.21
CA TYR B 91 -8.64 10.94 -4.72
C TYR B 91 -8.64 11.09 -3.20
N ARG B 92 -8.60 9.95 -2.52
CA ARG B 92 -8.63 9.90 -1.06
C ARG B 92 -7.31 10.23 -0.38
N LEU B 93 -7.38 11.03 0.67
CA LEU B 93 -6.19 11.43 1.42
C LEU B 93 -5.57 10.20 2.08
N ARG B 94 -4.26 10.03 1.88
CA ARG B 94 -3.55 8.87 2.42
C ARG B 94 -2.53 9.26 3.49
N GLN B 95 -1.63 10.18 3.17
CA GLN B 95 -0.61 10.59 4.12
C GLN B 95 -0.01 11.96 3.82
N VAL B 96 0.73 12.47 4.79
CA VAL B 96 1.41 13.77 4.67
C VAL B 96 2.82 13.63 5.25
N HIS B 97 3.81 14.10 4.51
CA HIS B 97 5.20 14.06 4.95
C HIS B 97 5.92 15.32 4.47
N LEU B 98 7.18 15.45 4.84
CA LEU B 98 7.93 16.65 4.48
C LEU B 98 9.36 16.37 4.01
N HIS B 99 9.83 17.22 3.09
CA HIS B 99 11.17 17.11 2.56
C HIS B 99 11.90 18.40 2.88
N TRP B 100 13.19 18.29 3.19
CA TRP B 100 14.01 19.43 3.52
C TRP B 100 15.46 19.16 3.14
N GLY B 101 16.32 20.14 3.39
CA GLY B 101 17.73 20.00 3.07
C GLY B 101 18.56 20.27 4.32
N SER B 102 19.88 20.10 4.22
CA SER B 102 20.77 20.32 5.37
C SER B 102 20.87 21.77 5.81
N ALA B 103 20.44 22.69 4.96
CA ALA B 103 20.47 24.12 5.26
C ALA B 103 19.22 24.76 4.68
N ASP B 104 18.80 25.89 5.25
CA ASP B 104 17.60 26.58 4.80
C ASP B 104 17.62 27.07 3.36
N ASP B 105 18.79 27.36 2.80
CA ASP B 105 18.84 27.88 1.44
C ASP B 105 18.38 26.93 0.34
N HIS B 106 18.29 25.63 0.63
CA HIS B 106 17.77 24.71 -0.37
C HIS B 106 17.38 23.37 0.23
N GLY B 107 16.11 23.03 0.11
CA GLY B 107 15.61 21.79 0.66
C GLY B 107 14.37 21.28 -0.02
N SER B 108 13.74 22.10 -0.87
CA SER B 108 12.54 21.65 -1.57
C SER B 108 12.94 20.64 -2.65
N GLU B 109 12.02 19.78 -3.03
CA GLU B 109 12.31 18.79 -4.07
C GLU B 109 12.15 19.46 -5.41
N HIS B 110 11.00 20.10 -5.61
CA HIS B 110 10.76 20.82 -6.86
C HIS B 110 11.46 22.17 -6.75
N ILE B 111 11.94 22.68 -7.88
CA ILE B 111 12.63 23.95 -7.94
C ILE B 111 11.95 24.83 -8.98
N VAL B 112 11.87 26.14 -8.72
CA VAL B 112 11.21 27.06 -9.65
C VAL B 112 12.19 28.12 -10.17
N ASP B 113 12.45 28.10 -11.48
CA ASP B 113 13.36 29.05 -12.10
C ASP B 113 14.67 29.13 -11.29
N GLY B 114 15.23 27.95 -10.98
CA GLY B 114 16.47 27.88 -10.24
C GLY B 114 16.44 28.15 -8.76
N VAL B 115 15.28 28.52 -8.22
CA VAL B 115 15.16 28.82 -6.79
C VAL B 115 14.64 27.65 -5.96
N SER B 116 15.35 27.33 -4.88
CA SER B 116 14.92 26.24 -4.00
C SER B 116 14.30 26.83 -2.74
N TYR B 117 13.17 26.28 -2.32
CA TYR B 117 12.55 26.75 -1.09
C TYR B 117 13.24 25.95 0.03
N ALA B 118 12.93 26.30 1.28
CA ALA B 118 13.55 25.64 2.43
C ALA B 118 13.09 24.20 2.65
N ALA B 119 11.84 23.92 2.29
CA ALA B 119 11.30 22.58 2.45
C ALA B 119 10.09 22.43 1.52
N GLU B 120 9.48 21.25 1.50
CA GLU B 120 8.33 21.00 0.65
C GLU B 120 7.42 19.95 1.27
N LEU B 121 6.17 20.32 1.50
CA LEU B 121 5.18 19.42 2.09
C LEU B 121 4.46 18.64 0.98
N HIS B 122 4.27 17.34 1.19
CA HIS B 122 3.56 16.51 0.22
C HIS B 122 2.32 15.90 0.85
N VAL B 123 1.20 15.98 0.14
CA VAL B 123 -0.06 15.42 0.59
C VAL B 123 -0.42 14.37 -0.46
N VAL B 124 -0.33 13.10 -0.05
CA VAL B 124 -0.56 11.96 -0.91
C VAL B 124 -2.00 11.44 -0.94
N HIS B 125 -2.55 11.31 -2.14
CA HIS B 125 -3.91 10.80 -2.33
C HIS B 125 -3.88 9.70 -3.39
N TRP B 126 -4.87 8.82 -3.36
CA TRP B 126 -4.96 7.75 -4.36
C TRP B 126 -6.38 7.64 -4.93
N ASN B 127 -6.46 7.24 -6.19
CA ASN B 127 -7.74 7.11 -6.90
C ASN B 127 -8.63 5.99 -6.34
N SER B 128 -9.41 6.30 -5.31
CA SER B 128 -10.30 5.31 -4.71
C SER B 128 -11.54 5.05 -5.55
N ASP B 129 -11.80 5.91 -6.51
CA ASP B 129 -12.96 5.76 -7.39
C ASP B 129 -12.74 4.60 -8.36
N LYS B 130 -11.51 4.46 -8.86
CA LYS B 130 -11.18 3.40 -9.80
C LYS B 130 -10.46 2.18 -9.25
N TYR B 131 -9.66 2.38 -8.20
CA TYR B 131 -8.90 1.26 -7.62
C TYR B 131 -9.29 0.91 -6.21
N PRO B 132 -9.20 -0.38 -5.85
CA PRO B 132 -9.55 -0.89 -4.52
C PRO B 132 -8.50 -0.63 -3.43
N SER B 133 -7.25 -0.40 -3.83
CA SER B 133 -6.20 -0.16 -2.84
C SER B 133 -5.14 0.82 -3.32
N PHE B 134 -4.35 1.33 -2.39
CA PHE B 134 -3.27 2.25 -2.73
C PHE B 134 -2.21 1.54 -3.56
N VAL B 135 -1.88 0.31 -3.17
N VAL B 135 -1.89 0.31 -3.17
CA VAL B 135 -0.87 -0.46 -3.88
CA VAL B 135 -0.88 -0.47 -3.88
C VAL B 135 -1.21 -0.67 -5.35
C VAL B 135 -1.21 -0.66 -5.35
N GLU B 136 -2.48 -0.91 -5.66
CA GLU B 136 -2.86 -1.10 -7.06
C GLU B 136 -2.80 0.27 -7.74
N ALA B 137 -3.42 1.27 -7.12
CA ALA B 137 -3.42 2.63 -7.67
C ALA B 137 -1.98 3.08 -7.96
N ALA B 138 -1.07 2.71 -7.08
CA ALA B 138 0.35 3.06 -7.21
C ALA B 138 1.00 2.59 -8.50
N HIS B 139 0.37 1.62 -9.16
CA HIS B 139 0.90 1.07 -10.41
C HIS B 139 0.08 1.46 -11.64
N GLU B 140 -0.72 2.51 -11.53
CA GLU B 140 -1.54 3.00 -12.63
C GLU B 140 -1.21 4.47 -12.89
N PRO B 141 -1.16 4.88 -14.15
CA PRO B 141 -0.84 6.26 -14.53
C PRO B 141 -1.70 7.32 -13.83
N ASP B 142 -2.96 7.00 -13.62
CA ASP B 142 -3.91 7.90 -12.96
C ASP B 142 -4.20 7.47 -11.53
N GLY B 143 -3.35 6.62 -10.99
CA GLY B 143 -3.56 6.11 -9.65
C GLY B 143 -3.32 7.03 -8.48
N LEU B 144 -2.29 7.87 -8.55
CA LEU B 144 -1.98 8.76 -7.44
C LEU B 144 -1.96 10.24 -7.75
N ALA B 145 -2.22 11.03 -6.72
CA ALA B 145 -2.19 12.48 -6.82
C ALA B 145 -1.48 13.02 -5.58
N VAL B 146 -0.43 13.81 -5.80
CA VAL B 146 0.30 14.39 -4.67
C VAL B 146 0.29 15.91 -4.74
N LEU B 147 -0.21 16.53 -3.69
CA LEU B 147 -0.27 17.97 -3.60
C LEU B 147 1.03 18.45 -2.96
N GLY B 148 1.76 19.31 -3.65
CA GLY B 148 3.00 19.80 -3.10
C GLY B 148 2.85 21.23 -2.63
N VAL B 149 3.34 21.51 -1.42
CA VAL B 149 3.28 22.85 -0.85
C VAL B 149 4.67 23.28 -0.42
N PHE B 150 5.16 24.39 -0.99
CA PHE B 150 6.48 24.89 -0.65
C PHE B 150 6.49 25.59 0.71
N LEU B 151 7.61 25.47 1.43
CA LEU B 151 7.78 26.14 2.71
C LEU B 151 8.99 27.06 2.61
N GLN B 152 8.79 28.34 2.92
CA GLN B 152 9.88 29.31 2.89
C GLN B 152 10.13 29.75 4.32
N ILE B 153 11.36 30.17 4.60
CA ILE B 153 11.68 30.64 5.95
C ILE B 153 10.95 31.97 6.17
N GLY B 154 10.30 32.08 7.32
CA GLY B 154 9.55 33.28 7.66
C GLY B 154 9.08 33.21 9.09
N GLU B 155 8.01 33.93 9.40
CA GLU B 155 7.50 33.91 10.77
C GLU B 155 7.08 32.50 11.18
N PRO B 156 7.12 32.21 12.49
CA PRO B 156 6.75 30.88 12.98
C PRO B 156 5.31 30.49 12.55
N ASN B 157 5.13 29.23 12.20
CA ASN B 157 3.84 28.72 11.75
C ASN B 157 3.19 27.92 12.87
N SER B 158 2.09 28.46 13.41
CA SER B 158 1.37 27.82 14.49
C SER B 158 0.74 26.50 14.07
N GLN B 159 0.55 26.31 12.76
CA GLN B 159 -0.06 25.09 12.26
C GLN B 159 0.91 23.91 12.19
N LEU B 160 2.20 24.20 12.22
CA LEU B 160 3.24 23.16 12.16
C LEU B 160 3.64 22.76 13.57
N GLN B 161 3.19 23.55 14.55
CA GLN B 161 3.48 23.32 15.96
C GLN B 161 2.99 21.95 16.43
N LYS B 162 1.76 21.60 16.06
CA LYS B 162 1.19 20.31 16.43
C LYS B 162 2.15 19.19 16.05
N ILE B 163 2.78 19.31 14.89
CA ILE B 163 3.73 18.31 14.40
C ILE B 163 5.07 18.37 15.12
N THR B 164 5.64 19.56 15.22
CA THR B 164 6.94 19.72 15.88
C THR B 164 6.91 19.30 17.35
N ASP B 165 5.75 19.44 17.99
CA ASP B 165 5.63 19.05 19.40
C ASP B 165 5.77 17.53 19.59
N THR B 166 5.60 16.78 18.51
CA THR B 166 5.68 15.32 18.59
C THR B 166 7.03 14.73 18.17
N LEU B 167 7.88 15.56 17.57
CA LEU B 167 9.16 15.06 17.07
C LEU B 167 10.04 14.33 18.10
N ASP B 168 10.05 14.80 19.34
CA ASP B 168 10.87 14.13 20.35
C ASP B 168 10.39 12.71 20.61
N SER B 169 9.08 12.48 20.55
CA SER B 169 8.55 11.15 20.79
C SER B 169 8.78 10.19 19.63
N ILE B 170 9.12 10.71 18.45
CA ILE B 170 9.39 9.84 17.30
C ILE B 170 10.79 10.12 16.74
N LYS B 171 11.73 10.45 17.61
CA LYS B 171 13.09 10.76 17.20
C LYS B 171 13.78 9.65 16.41
N GLU B 172 13.67 8.41 16.89
CA GLU B 172 14.28 7.27 16.23
C GLU B 172 13.41 6.66 15.14
N LYS B 173 14.05 6.13 14.10
CA LYS B 173 13.36 5.49 13.00
C LYS B 173 12.51 4.37 13.56
N GLY B 174 11.26 4.27 13.10
CA GLY B 174 10.39 3.22 13.57
C GLY B 174 9.46 3.65 14.68
N LYS B 175 9.77 4.76 15.34
CA LYS B 175 8.94 5.27 16.43
C LYS B 175 7.65 5.87 15.89
N GLN B 176 6.60 5.82 16.69
CA GLN B 176 5.30 6.37 16.30
C GLN B 176 4.41 6.63 17.51
N THR B 177 3.41 7.47 17.30
CA THR B 177 2.46 7.80 18.36
C THR B 177 1.15 8.21 17.71
N ARG B 178 0.03 7.93 18.39
CA ARG B 178 -1.26 8.32 17.86
C ARG B 178 -1.27 9.83 17.69
N PHE B 179 -1.88 10.29 16.61
CA PHE B 179 -1.91 11.71 16.27
C PHE B 179 -3.24 11.97 15.57
N THR B 180 -4.09 12.81 16.16
CA THR B 180 -5.38 13.08 15.53
C THR B 180 -5.83 14.53 15.68
N ASN B 181 -7.02 14.83 15.16
CA ASN B 181 -7.56 16.19 15.20
C ASN B 181 -6.56 17.12 14.54
N PHE B 182 -6.08 16.72 13.36
CA PHE B 182 -5.10 17.51 12.62
C PHE B 182 -5.79 18.26 11.48
N ASP B 183 -5.81 19.59 11.60
CA ASP B 183 -6.45 20.44 10.60
C ASP B 183 -5.48 20.72 9.44
N LEU B 184 -5.39 19.76 8.53
CA LEU B 184 -4.50 19.87 7.38
C LEU B 184 -4.85 21.04 6.48
N LEU B 185 -6.15 21.21 6.22
CA LEU B 185 -6.64 22.28 5.35
C LEU B 185 -6.12 23.66 5.76
N SER B 186 -6.04 23.94 7.06
CA SER B 186 -5.56 25.24 7.53
C SER B 186 -4.07 25.45 7.31
N LEU B 187 -3.36 24.36 7.03
CA LEU B 187 -1.93 24.45 6.79
C LEU B 187 -1.68 24.99 5.39
N LEU B 188 -2.62 24.76 4.48
CA LEU B 188 -2.50 25.20 3.10
C LEU B 188 -2.52 26.72 2.96
N PRO B 189 -1.88 27.25 1.90
CA PRO B 189 -1.85 28.70 1.66
C PRO B 189 -3.24 29.17 1.20
N PRO B 190 -3.52 30.48 1.33
CA PRO B 190 -4.81 31.03 0.92
C PRO B 190 -5.14 30.90 -0.56
N SER B 191 -4.11 30.84 -1.39
CA SER B 191 -4.30 30.71 -2.83
C SER B 191 -3.98 29.28 -3.28
N TRP B 192 -4.83 28.70 -4.11
CA TRP B 192 -4.61 27.35 -4.58
C TRP B 192 -4.20 27.25 -6.05
N ASP B 193 -3.64 28.34 -6.59
CA ASP B 193 -3.16 28.32 -7.97
C ASP B 193 -2.04 27.29 -7.97
N TYR B 194 -1.91 26.53 -9.06
CA TYR B 194 -0.90 25.48 -9.10
C TYR B 194 -0.33 25.19 -10.48
N TRP B 195 0.69 24.34 -10.49
CA TRP B 195 1.35 23.86 -11.69
C TRP B 195 1.08 22.37 -11.62
N THR B 196 1.02 21.69 -12.76
CA THR B 196 0.80 20.26 -12.74
C THR B 196 1.52 19.57 -13.89
N TYR B 197 1.88 18.31 -13.68
CA TYR B 197 2.58 17.53 -14.69
C TYR B 197 2.58 16.06 -14.25
N PRO B 198 2.71 15.13 -15.20
CA PRO B 198 2.72 13.69 -14.88
C PRO B 198 4.10 13.30 -14.36
N GLY B 199 4.15 12.65 -13.20
CA GLY B 199 5.43 12.27 -12.65
C GLY B 199 5.43 10.99 -11.87
N SER B 200 6.28 10.92 -10.85
CA SER B 200 6.40 9.71 -10.05
C SER B 200 6.64 9.99 -8.57
N LEU B 201 6.73 8.92 -7.79
CA LEU B 201 7.02 9.04 -6.37
C LEU B 201 8.48 9.50 -6.37
N THR B 202 8.86 10.35 -5.41
CA THR B 202 10.23 10.84 -5.35
C THR B 202 11.14 9.99 -4.49
N VAL B 203 10.65 8.81 -4.10
CA VAL B 203 11.40 7.86 -3.30
C VAL B 203 11.03 6.47 -3.82
N PRO B 204 11.91 5.46 -3.61
CA PRO B 204 11.60 4.10 -4.08
C PRO B 204 10.22 3.70 -3.54
N PRO B 205 9.44 2.93 -4.30
CA PRO B 205 9.65 2.37 -5.64
C PRO B 205 9.68 3.31 -6.85
N LEU B 206 9.60 4.62 -6.62
CA LEU B 206 9.69 5.61 -7.71
C LEU B 206 8.71 5.39 -8.88
N LEU B 207 7.55 4.82 -8.58
CA LEU B 207 6.54 4.52 -9.58
C LEU B 207 5.98 5.75 -10.30
N GLU B 208 5.91 5.68 -11.63
CA GLU B 208 5.42 6.79 -12.42
C GLU B 208 3.90 6.71 -12.52
N SER B 209 3.25 7.00 -11.41
CA SER B 209 1.80 6.95 -11.29
C SER B 209 1.27 8.18 -10.60
N VAL B 210 2.07 9.24 -10.57
CA VAL B 210 1.65 10.45 -9.89
C VAL B 210 1.28 11.64 -10.74
N THR B 211 0.13 12.22 -10.44
CA THR B 211 -0.30 13.43 -11.10
C THR B 211 0.11 14.48 -10.09
N TRP B 212 1.20 15.19 -10.39
CA TRP B 212 1.70 16.22 -9.49
C TRP B 212 0.94 17.53 -9.58
N ILE B 213 0.66 18.10 -8.42
CA ILE B 213 -0.05 19.37 -8.29
C ILE B 213 0.75 20.21 -7.30
N VAL B 214 1.60 21.08 -7.83
CA VAL B 214 2.46 21.92 -7.00
C VAL B 214 1.90 23.34 -6.86
N LEU B 215 1.51 23.69 -5.63
CA LEU B 215 0.95 25.01 -5.38
C LEU B 215 1.98 26.09 -5.60
N LYS B 216 1.58 27.19 -6.20
CA LYS B 216 2.47 28.30 -6.47
C LYS B 216 2.86 29.07 -5.20
N GLN B 217 1.89 29.29 -4.33
CA GLN B 217 2.13 30.04 -3.10
C GLN B 217 2.63 29.17 -1.95
N PRO B 218 3.79 29.54 -1.37
CA PRO B 218 4.40 28.81 -0.27
C PRO B 218 3.81 29.24 1.07
N ILE B 219 4.14 28.50 2.13
CA ILE B 219 3.71 28.84 3.47
C ILE B 219 4.98 29.10 4.24
N ASN B 220 4.88 29.74 5.40
CA ASN B 220 6.05 30.05 6.20
C ASN B 220 6.35 29.03 7.28
N ILE B 221 7.63 28.99 7.67
CA ILE B 221 8.13 28.14 8.73
C ILE B 221 9.38 28.86 9.22
N SER B 222 9.56 28.97 10.52
CA SER B 222 10.74 29.66 11.01
C SER B 222 11.95 28.73 10.89
N SER B 223 13.13 29.31 10.91
CA SER B 223 14.36 28.54 10.81
C SER B 223 14.41 27.56 11.99
N GLN B 224 13.99 28.04 13.16
CA GLN B 224 13.98 27.24 14.39
C GLN B 224 13.07 26.02 14.26
N GLN B 225 11.88 26.22 13.69
CA GLN B 225 10.95 25.11 13.50
C GLN B 225 11.55 24.08 12.53
N LEU B 226 12.01 24.55 11.38
CA LEU B 226 12.59 23.64 10.40
C LEU B 226 13.76 22.85 10.98
N ALA B 227 14.56 23.49 11.82
CA ALA B 227 15.71 22.82 12.43
C ALA B 227 15.27 21.59 13.23
N LYS B 228 14.10 21.65 13.86
CA LYS B 228 13.63 20.52 14.65
C LYS B 228 13.49 19.24 13.84
N PHE B 229 13.12 19.35 12.56
CA PHE B 229 12.98 18.16 11.74
C PHE B 229 14.33 17.50 11.47
N ARG B 230 15.40 18.29 11.39
CA ARG B 230 16.74 17.75 11.15
C ARG B 230 17.27 17.02 12.37
N SER B 231 16.55 17.12 13.49
CA SER B 231 16.95 16.45 14.72
C SER B 231 16.41 15.03 14.76
N LEU B 232 15.61 14.67 13.77
CA LEU B 232 15.08 13.31 13.69
C LEU B 232 16.24 12.45 13.22
N LEU B 233 16.22 11.17 13.60
CA LEU B 233 17.26 10.23 13.19
C LEU B 233 16.73 9.39 12.04
N CYS B 234 17.62 8.96 11.15
CA CYS B 234 17.20 8.11 10.05
C CYS B 234 17.56 6.68 10.46
N THR B 235 17.97 6.55 11.73
CA THR B 235 18.36 5.26 12.28
C THR B 235 17.49 4.87 13.47
N ALA B 236 17.40 3.56 13.72
CA ALA B 236 16.58 3.04 14.80
C ALA B 236 17.25 3.06 16.16
N GLU B 237 16.42 2.96 17.20
CA GLU B 237 16.88 2.96 18.58
C GLU B 237 17.80 1.75 18.79
N GLY B 238 18.92 1.99 19.47
CA GLY B 238 19.87 0.91 19.72
C GLY B 238 20.86 0.71 18.59
N GLU B 239 20.67 1.41 17.47
CA GLU B 239 21.57 1.29 16.33
C GLU B 239 22.45 2.52 16.16
N ALA B 240 23.52 2.38 15.37
CA ALA B 240 24.44 3.47 15.12
C ALA B 240 23.63 4.68 14.67
N ALA B 241 23.92 5.83 15.27
CA ALA B 241 23.19 7.05 14.98
C ALA B 241 23.59 7.81 13.71
N ALA B 242 22.58 8.47 13.13
CA ALA B 242 22.75 9.31 11.94
C ALA B 242 21.48 10.15 11.87
N PHE B 243 21.64 11.46 11.72
CA PHE B 243 20.49 12.35 11.66
C PHE B 243 19.96 12.54 10.24
N LEU B 244 18.66 12.76 10.14
CA LEU B 244 18.01 12.97 8.86
C LEU B 244 18.14 14.46 8.53
N VAL B 245 19.35 14.88 8.16
CA VAL B 245 19.61 16.29 7.87
C VAL B 245 19.11 16.79 6.52
N SER B 246 18.91 15.88 5.58
CA SER B 246 18.43 16.25 4.24
C SER B 246 17.71 15.05 3.63
N ASN B 247 16.57 15.29 2.99
CA ASN B 247 15.81 14.18 2.42
C ASN B 247 15.04 14.56 1.16
N HIS B 248 15.70 15.27 0.25
CA HIS B 248 15.05 15.66 -1.00
C HIS B 248 15.84 15.11 -2.18
N ARG B 249 15.11 14.66 -3.20
CA ARG B 249 15.72 14.11 -4.39
C ARG B 249 16.00 15.24 -5.37
N PRO B 250 17.13 15.15 -6.10
CA PRO B 250 17.49 16.18 -7.07
C PRO B 250 16.47 16.19 -8.23
N PRO B 251 16.34 17.34 -8.92
CA PRO B 251 15.41 17.48 -10.05
C PRO B 251 15.76 16.43 -11.11
N GLN B 252 14.77 15.91 -11.81
CA GLN B 252 14.99 14.90 -12.84
C GLN B 252 14.69 15.42 -14.25
N PRO B 253 15.24 14.76 -15.29
CA PRO B 253 15.01 15.17 -16.68
C PRO B 253 13.53 15.24 -17.02
N LEU B 254 13.11 16.36 -17.61
CA LEU B 254 11.71 16.55 -17.97
C LEU B 254 11.29 15.61 -19.11
N LYS B 255 12.26 15.26 -19.95
CA LYS B 255 12.01 14.37 -21.08
C LYS B 255 10.74 14.65 -21.89
N GLY B 256 10.59 15.89 -22.36
CA GLY B 256 9.45 16.23 -23.18
C GLY B 256 8.13 16.48 -22.49
N ARG B 257 8.05 16.20 -21.18
CA ARG B 257 6.81 16.43 -20.45
C ARG B 257 6.41 17.89 -20.47
N LYS B 258 5.11 18.11 -20.33
CA LYS B 258 4.54 19.45 -20.34
C LYS B 258 4.03 19.84 -18.95
N VAL B 259 4.57 20.95 -18.43
CA VAL B 259 4.16 21.47 -17.13
C VAL B 259 3.09 22.53 -17.41
N ARG B 260 1.92 22.36 -16.82
CA ARG B 260 0.81 23.30 -17.04
C ARG B 260 0.47 24.14 -15.81
N ALA B 261 -0.03 25.35 -16.06
CA ALA B 261 -0.41 26.26 -15.00
C ALA B 261 -1.92 26.48 -15.02
N SER B 262 -2.52 26.60 -13.84
CA SER B 262 -3.95 26.81 -13.71
C SER B 262 -4.22 28.31 -13.68
N PHE B 263 -3.15 29.10 -13.61
CA PHE B 263 -3.27 30.55 -13.57
C PHE B 263 -2.51 31.20 -14.71
#